data_5BYZ
#
_entry.id   5BYZ
#
_cell.length_a   93.401
_cell.length_b   93.401
_cell.length_c   116.280
_cell.angle_alpha   90.00
_cell.angle_beta   90.00
_cell.angle_gamma   90.00
#
_symmetry.space_group_name_H-M   'P 41 21 2'
#
loop_
_entity.id
_entity.type
_entity.pdbx_description
1 polymer 'Mitogen-activated protein kinase 7'
2 non-polymer 4-({5-fluoro-4-[2-methyl-1-(propan-2-yl)-1H-imidazol-5-yl]pyrimidin-2-yl}amino)-N-[2-(piperidin-1-yl)ethyl]benzamide
3 non-polymer GLYCEROL
4 water water
#
_entity_poly.entity_id   1
_entity_poly.type   'polypeptide(L)'
_entity_poly.pdbx_seq_one_letter_code
;TFDVGDEYEIIETIGNGAYGVVSSARRRLTGQQVAIKKIPNAFDVVTNAKRTLRELKILKHFKHDNIIAIKDILRPTVPY
GEFKSVYVVLDLMESDLHQIIHSSQPLTLEHVRYFLYQLLRGLKYMHSAQVIHRDLKPSNLLVNENCELKIGDFGMARGL
CTSPAEHQYFMTEYVATRWYRAPELMLSLHEYTQAIDLWSVGCIFGEMLARRQLFPGKNYVHQLQLIMMVLGTPSPAVIQ
AVGAERVRAYIQSLPPRQPVPWETVYPGADRQALSLLGRMLRFEPSARISAAAALRHPFLAKYHDPDDEPDCAPPFDFAF
DREALTRERIKEAIVAEIEDFHARREGI
;
_entity_poly.pdbx_strand_id   A
#
loop_
_chem_comp.id
_chem_comp.type
_chem_comp.name
_chem_comp.formula
4WE non-polymer 4-({5-fluoro-4-[2-methyl-1-(propan-2-yl)-1H-imidazol-5-yl]pyrimidin-2-yl}amino)-N-[2-(piperidin-1-yl)ethyl]benzamide 'C25 H32 F N7 O'
GOL non-polymer GLYCEROL 'C3 H8 O3'
#
# COMPACT_ATOMS: atom_id res chain seq x y z
N THR A 1 21.62 -16.00 13.47
N THR A 1 21.90 -5.43 13.40
CA THR A 1 22.83 -15.28 12.99
CA THR A 1 22.07 -6.68 14.20
C THR A 1 22.93 -15.35 11.47
C THR A 1 21.08 -7.75 13.76
N PHE A 2 23.93 -14.67 10.93
N PHE A 2 21.45 -8.47 12.70
CA PHE A 2 24.15 -14.62 9.49
CA PHE A 2 20.59 -9.47 12.10
C PHE A 2 25.62 -14.84 9.18
C PHE A 2 21.09 -10.89 12.38
N ASP A 3 26.23 -15.81 9.84
N ASP A 3 20.35 -11.64 13.19
CA ASP A 3 27.66 -16.07 9.67
CA ASP A 3 20.67 -13.04 13.43
C ASP A 3 27.89 -17.14 8.61
C ASP A 3 19.85 -13.94 12.50
N VAL A 4 29.15 -17.52 8.43
N VAL A 4 20.38 -14.22 11.32
CA VAL A 4 29.52 -18.44 7.35
CA VAL A 4 19.64 -14.97 10.30
C VAL A 4 28.74 -19.75 7.40
C VAL A 4 20.29 -16.32 9.98
N GLY A 5 28.25 -20.12 8.57
N GLY A 5 21.01 -16.86 10.95
CA GLY A 5 27.56 -21.41 8.73
CA GLY A 5 21.57 -18.20 10.85
C GLY A 5 26.05 -21.31 8.91
C GLY A 5 22.58 -18.36 9.74
N ASP A 6 25.47 -20.26 8.36
N ASP A 6 22.94 -19.62 9.47
CA ASP A 6 24.02 -20.04 8.42
CA ASP A 6 23.95 -19.96 8.47
C ASP A 6 23.48 -19.88 6.99
C ASP A 6 23.48 -19.85 7.02
N GLU A 7 22.16 -19.88 6.81
CA GLU A 7 21.56 -19.81 5.45
C GLU A 7 21.80 -18.50 4.70
N TYR A 8 21.83 -17.37 5.42
CA TYR A 8 21.90 -16.05 4.80
C TYR A 8 23.12 -15.25 5.23
N GLU A 9 23.57 -14.39 4.32
CA GLU A 9 24.61 -13.40 4.56
C GLU A 9 24.02 -12.02 4.35
N ILE A 10 24.14 -11.15 5.36
CA ILE A 10 23.67 -9.77 5.21
C ILE A 10 24.67 -8.94 4.41
N ILE A 11 24.16 -8.19 3.44
CA ILE A 11 24.99 -7.33 2.59
C ILE A 11 24.98 -5.91 3.16
N GLU A 12 23.81 -5.28 3.18
CA GLU A 12 23.71 -3.93 3.77
C GLU A 12 22.28 -3.55 4.13
N THR A 13 22.15 -2.60 5.04
CA THR A 13 20.81 -2.08 5.39
C THR A 13 20.35 -1.17 4.26
N ILE A 14 19.14 -1.42 3.76
CA ILE A 14 18.53 -0.59 2.72
C ILE A 14 17.32 0.22 3.20
N GLY A 15 16.70 -0.18 4.31
CA GLY A 15 15.57 0.55 4.88
C GLY A 15 15.51 0.48 6.39
N ASN A 16 15.23 1.63 7.03
CA ASN A 16 14.95 1.73 8.45
C ASN A 16 13.67 2.54 8.62
N GLY A 17 12.65 1.95 9.22
CA GLY A 17 11.40 2.70 9.48
C GLY A 17 10.55 2.06 10.55
N ALA A 18 9.28 2.49 10.59
CA ALA A 18 8.32 1.99 11.59
C ALA A 18 8.10 0.48 11.50
N TYR A 19 8.23 -0.04 10.27
CA TYR A 19 8.18 -1.48 9.95
C TYR A 19 9.32 -2.35 10.51
N GLY A 20 10.43 -1.71 10.91
CA GLY A 20 11.64 -2.43 11.32
C GLY A 20 12.82 -2.03 10.45
N VAL A 21 13.63 -3.03 10.09
CA VAL A 21 14.86 -2.81 9.33
C VAL A 21 14.88 -3.81 8.19
N VAL A 22 15.06 -3.31 6.97
CA VAL A 22 15.21 -4.16 5.79
C VAL A 22 16.66 -4.12 5.30
N SER A 23 17.23 -5.31 5.09
CA SER A 23 18.61 -5.46 4.61
C SER A 23 18.60 -6.25 3.33
N SER A 24 19.51 -5.91 2.41
CA SER A 24 19.83 -6.80 1.31
C SER A 24 20.67 -7.96 1.88
N ALA A 25 20.52 -9.12 1.27
CA ALA A 25 21.17 -10.33 1.73
C ALA A 25 21.32 -11.30 0.59
N ARG A 26 22.16 -12.32 0.79
CA ARG A 26 22.28 -13.42 -0.16
C ARG A 26 22.12 -14.76 0.55
N ARG A 27 21.48 -15.71 -0.14
CA ARG A 27 21.49 -17.10 0.28
C ARG A 27 22.90 -17.65 0.07
N ARG A 28 23.57 -18.04 1.15
CA ARG A 28 24.99 -18.37 1.08
C ARG A 28 25.30 -19.51 0.09
N LEU A 29 24.47 -20.55 0.10
CA LEU A 29 24.70 -21.74 -0.72
C LEU A 29 24.57 -21.48 -2.22
N THR A 30 23.72 -20.53 -2.60
CA THR A 30 23.39 -20.29 -4.02
C THR A 30 23.80 -18.92 -4.59
N GLY A 31 24.01 -17.93 -3.72
CA GLY A 31 24.25 -16.56 -4.16
C GLY A 31 23.00 -15.76 -4.52
N GLN A 32 21.82 -16.37 -4.38
CA GLN A 32 20.56 -15.70 -4.72
C GLN A 32 20.33 -14.53 -3.78
N GLN A 33 19.94 -13.39 -4.36
CA GLN A 33 19.68 -12.16 -3.59
C GLN A 33 18.25 -12.13 -3.05
N VAL A 34 18.12 -11.66 -1.81
CA VAL A 34 16.83 -11.49 -1.13
C VAL A 34 16.86 -10.23 -0.27
N ALA A 35 15.68 -9.78 0.15
CA ALA A 35 15.56 -8.80 1.24
C ALA A 35 15.21 -9.55 2.51
N ILE A 36 15.77 -9.11 3.63
CA ILE A 36 15.41 -9.64 4.95
C ILE A 36 14.93 -8.47 5.80
N LYS A 37 13.68 -8.55 6.26
CA LYS A 37 13.09 -7.57 7.17
C LYS A 37 13.16 -8.13 8.58
N LYS A 38 13.87 -7.44 9.46
CA LYS A 38 13.84 -7.72 10.89
C LYS A 38 12.74 -6.85 11.49
N ILE A 39 11.84 -7.47 12.25
CA ILE A 39 10.78 -6.78 12.99
C ILE A 39 11.18 -6.90 14.46
N PRO A 40 11.92 -5.91 15.00
CA PRO A 40 12.47 -6.07 16.34
C PRO A 40 11.40 -5.90 17.40
N ASN A 41 11.50 -6.67 18.48
CA ASN A 41 10.57 -6.55 19.60
C ASN A 41 9.12 -6.55 19.09
N ALA A 42 8.83 -7.55 18.25
CA ALA A 42 7.62 -7.56 17.42
C ALA A 42 6.30 -7.67 18.19
N PHE A 43 6.37 -8.16 19.43
CA PHE A 43 5.18 -8.41 20.22
C PHE A 43 4.99 -7.39 21.35
N ASP A 44 5.90 -6.42 21.48
CA ASP A 44 5.86 -5.42 22.56
C ASP A 44 4.67 -4.46 22.48
N VAL A 45 4.31 -4.06 21.26
CA VAL A 45 3.21 -3.11 21.03
C VAL A 45 2.09 -3.82 20.29
N VAL A 46 0.89 -3.82 20.88
CA VAL A 46 -0.27 -4.56 20.34
C VAL A 46 -0.63 -4.12 18.92
N THR A 47 -0.74 -2.82 18.69
CA THR A 47 -1.03 -2.27 17.36
C THR A 47 -0.04 -2.77 16.29
N ASN A 48 1.25 -2.72 16.61
CA ASN A 48 2.29 -3.16 15.69
C ASN A 48 2.23 -4.68 15.45
N ALA A 49 2.02 -5.45 16.51
CA ALA A 49 1.86 -6.90 16.40
C ALA A 49 0.69 -7.29 15.50
N LYS A 50 -0.42 -6.54 15.60
CA LYS A 50 -1.57 -6.77 14.72
C LYS A 50 -1.27 -6.47 13.24
N ARG A 51 -0.50 -5.40 12.98
CA ARG A 51 -0.05 -5.10 11.61
C ARG A 51 0.81 -6.24 11.06
N THR A 52 1.74 -6.74 11.88
CA THR A 52 2.59 -7.86 11.49
C THR A 52 1.78 -9.09 11.13
N LEU A 53 0.82 -9.46 11.98
CA LEU A 53 -0.04 -10.61 11.72
C LEU A 53 -0.83 -10.46 10.42
N ARG A 54 -1.48 -9.31 10.20
N ARG A 54 -1.47 -9.29 10.24
CA ARG A 54 -2.29 -9.16 8.99
CA ARG A 54 -2.25 -8.99 9.04
C ARG A 54 -1.43 -9.11 7.72
C ARG A 54 -1.40 -9.16 7.79
N GLU A 55 -0.22 -8.55 7.79
CA GLU A 55 0.69 -8.58 6.62
C GLU A 55 1.12 -10.02 6.31
N LEU A 56 1.49 -10.78 7.34
CA LEU A 56 1.90 -12.18 7.13
C LEU A 56 0.78 -12.97 6.47
N LYS A 57 -0.45 -12.84 6.98
CA LYS A 57 -1.58 -13.56 6.40
C LYS A 57 -1.89 -13.16 4.95
N ILE A 58 -1.88 -11.85 4.69
CA ILE A 58 -2.19 -11.33 3.37
C ILE A 58 -1.12 -11.75 2.36
N LEU A 59 0.16 -11.57 2.70
CA LEU A 59 1.25 -11.91 1.78
C LEU A 59 1.36 -13.41 1.51
N LYS A 60 1.00 -14.23 2.50
CA LYS A 60 0.91 -15.68 2.30
C LYS A 60 -0.24 -16.08 1.35
N HIS A 61 -1.33 -15.30 1.37
CA HIS A 61 -2.49 -15.55 0.50
C HIS A 61 -2.20 -15.20 -0.96
N PHE A 62 -1.46 -14.11 -1.18
CA PHE A 62 -1.22 -13.58 -2.51
C PHE A 62 -0.05 -14.22 -3.22
N LYS A 63 -0.22 -14.41 -4.52
CA LYS A 63 0.87 -14.81 -5.42
C LYS A 63 0.72 -14.02 -6.74
N HIS A 64 1.45 -12.92 -6.83
CA HIS A 64 1.31 -12.00 -7.97
C HIS A 64 2.59 -11.22 -8.16
N ASP A 65 3.00 -11.03 -9.42
CA ASP A 65 4.29 -10.40 -9.71
C ASP A 65 4.40 -8.93 -9.30
N ASN A 66 3.27 -8.25 -9.12
CA ASN A 66 3.28 -6.85 -8.67
C ASN A 66 2.89 -6.66 -7.20
N ILE A 67 3.03 -7.72 -6.41
CA ILE A 67 2.84 -7.67 -4.96
C ILE A 67 4.06 -8.35 -4.31
N ILE A 68 4.64 -7.70 -3.30
CA ILE A 68 5.83 -8.24 -2.63
C ILE A 68 5.51 -9.64 -2.09
N ALA A 69 6.48 -10.55 -2.22
CA ALA A 69 6.28 -11.96 -1.84
C ALA A 69 7.18 -12.36 -0.68
N ILE A 70 6.65 -13.22 0.19
CA ILE A 70 7.44 -13.85 1.27
C ILE A 70 8.08 -15.13 0.72
N LYS A 71 9.41 -15.16 0.77
N LYS A 71 9.41 -15.16 0.77
CA LYS A 71 10.20 -16.34 0.37
CA LYS A 71 10.20 -16.33 0.36
C LYS A 71 10.46 -17.28 1.53
C LYS A 71 10.47 -17.28 1.53
N ASP A 72 10.53 -16.73 2.74
CA ASP A 72 10.86 -17.52 3.95
C ASP A 72 10.44 -16.68 5.15
N ILE A 73 10.12 -17.34 6.26
CA ILE A 73 9.99 -16.66 7.55
C ILE A 73 10.80 -17.51 8.53
N LEU A 74 11.79 -16.91 9.19
CA LEU A 74 12.72 -17.70 10.00
C LEU A 74 12.02 -18.22 11.24
N ARG A 75 12.23 -19.50 11.54
CA ARG A 75 11.69 -20.11 12.75
C ARG A 75 12.43 -19.51 13.97
N PRO A 76 11.77 -19.48 15.15
CA PRO A 76 12.49 -19.16 16.39
C PRO A 76 13.75 -20.02 16.61
N THR A 77 14.84 -19.39 17.01
CA THR A 77 16.10 -20.08 17.37
C THR A 77 16.32 -20.15 18.89
N VAL A 78 15.39 -19.59 19.66
CA VAL A 78 15.44 -19.58 21.12
C VAL A 78 14.11 -20.15 21.63
N PRO A 79 14.02 -20.51 22.93
CA PRO A 79 12.73 -20.94 23.51
C PRO A 79 11.60 -19.94 23.28
N TYR A 80 10.36 -20.45 23.26
CA TYR A 80 9.19 -19.66 22.86
C TYR A 80 9.10 -18.32 23.61
N GLY A 81 9.29 -18.37 24.93
CA GLY A 81 9.20 -17.18 25.78
C GLY A 81 10.21 -16.07 25.51
N GLU A 82 11.35 -16.46 24.93
CA GLU A 82 12.43 -15.53 24.58
C GLU A 82 12.37 -15.03 23.13
N PHE A 83 11.46 -15.59 22.32
CA PHE A 83 11.31 -15.18 20.92
C PHE A 83 10.67 -13.79 20.85
N LYS A 84 11.44 -12.79 20.40
N LYS A 84 11.43 -12.79 20.37
CA LYS A 84 11.01 -11.39 20.38
CA LYS A 84 10.97 -11.40 20.35
C LYS A 84 11.11 -10.67 19.03
C LYS A 84 11.11 -10.66 19.02
N SER A 85 11.94 -11.16 18.10
CA SER A 85 12.20 -10.52 16.81
C SER A 85 11.90 -11.49 15.67
N VAL A 86 11.07 -11.03 14.74
CA VAL A 86 10.65 -11.82 13.59
C VAL A 86 11.46 -11.43 12.36
N TYR A 87 11.98 -12.42 11.64
CA TYR A 87 12.71 -12.19 10.37
C TYR A 87 11.90 -12.75 9.20
N VAL A 88 11.57 -11.87 8.25
CA VAL A 88 10.84 -12.22 7.04
C VAL A 88 11.78 -12.03 5.84
N VAL A 89 11.85 -13.04 4.97
CA VAL A 89 12.69 -13.00 3.78
C VAL A 89 11.75 -12.75 2.59
N LEU A 90 12.06 -11.72 1.81
CA LEU A 90 11.19 -11.29 0.70
C LEU A 90 12.02 -11.07 -0.56
N ASP A 91 11.32 -10.81 -1.68
CA ASP A 91 11.98 -10.36 -2.91
C ASP A 91 12.89 -9.18 -2.59
N LEU A 92 14.09 -9.13 -3.15
CA LEU A 92 14.95 -7.96 -2.99
C LEU A 92 14.47 -6.85 -3.92
N MET A 93 14.14 -5.70 -3.35
CA MET A 93 13.76 -4.51 -4.14
C MET A 93 14.70 -3.39 -3.75
N GLU A 94 15.53 -2.96 -4.69
CA GLU A 94 16.62 -2.03 -4.38
C GLU A 94 16.17 -0.62 -4.04
N SER A 95 14.99 -0.22 -4.54
N SER A 95 15.01 -0.21 -4.58
CA SER A 95 14.53 1.16 -4.37
CA SER A 95 14.49 1.15 -4.44
C SER A 95 13.02 1.19 -4.20
C SER A 95 13.01 1.17 -4.13
N ASP A 96 12.52 2.36 -3.84
CA ASP A 96 11.07 2.63 -3.81
C ASP A 96 10.78 3.71 -4.84
N LEU A 97 9.51 3.89 -5.17
CA LEU A 97 9.10 4.84 -6.20
C LEU A 97 9.30 6.30 -5.76
N HIS A 98 9.24 6.54 -4.45
CA HIS A 98 9.55 7.89 -3.94
C HIS A 98 10.94 8.34 -4.31
N GLN A 99 11.93 7.49 -4.02
N GLN A 99 11.96 7.53 -4.06
CA GLN A 99 13.33 7.71 -4.37
CA GLN A 99 13.32 7.96 -4.36
C GLN A 99 13.47 8.07 -5.84
C GLN A 99 13.63 7.96 -5.86
N ILE A 100 12.82 7.28 -6.69
CA ILE A 100 12.91 7.42 -8.15
C ILE A 100 12.32 8.75 -8.61
N ILE A 101 11.09 9.04 -8.19
CA ILE A 101 10.42 10.29 -8.57
C ILE A 101 11.24 11.50 -8.13
N HIS A 102 11.69 11.49 -6.88
CA HIS A 102 12.37 12.63 -6.28
C HIS A 102 13.89 12.47 -6.30
N SER A 103 14.41 12.34 -7.51
CA SER A 103 15.84 12.20 -7.77
C SER A 103 16.16 12.75 -9.14
N SER A 104 17.45 12.69 -9.49
CA SER A 104 17.92 13.05 -10.82
C SER A 104 17.81 11.93 -11.86
N GLN A 105 17.26 10.77 -11.48
CA GLN A 105 16.97 9.69 -12.43
C GLN A 105 15.96 10.13 -13.50
N PRO A 106 16.05 9.53 -14.70
CA PRO A 106 15.00 9.79 -15.69
C PRO A 106 13.63 9.34 -15.24
N LEU A 107 12.60 10.12 -15.58
CA LEU A 107 11.21 9.69 -15.39
C LEU A 107 10.39 10.27 -16.53
N THR A 108 10.53 9.63 -17.69
CA THR A 108 9.82 10.02 -18.91
C THR A 108 8.35 9.60 -18.81
N LEU A 109 7.51 10.07 -19.74
CA LEU A 109 6.12 9.60 -19.83
C LEU A 109 6.04 8.07 -19.92
N GLU A 110 6.99 7.45 -20.61
CA GLU A 110 7.00 5.99 -20.73
C GLU A 110 7.31 5.30 -19.39
N HIS A 111 8.16 5.91 -18.55
CA HIS A 111 8.34 5.41 -17.18
C HIS A 111 7.04 5.46 -16.39
N VAL A 112 6.35 6.60 -16.47
CA VAL A 112 5.07 6.80 -15.79
C VAL A 112 4.04 5.75 -16.24
N ARG A 113 3.91 5.57 -17.54
CA ARG A 113 2.99 4.58 -18.12
C ARG A 113 3.27 3.17 -17.61
N TYR A 114 4.54 2.78 -17.59
CA TYR A 114 4.91 1.42 -17.20
C TYR A 114 4.73 1.16 -15.69
N PHE A 115 5.14 2.12 -14.87
CA PHE A 115 4.94 2.00 -13.43
C PHE A 115 3.46 2.01 -13.06
N LEU A 116 2.68 2.90 -13.69
CA LEU A 116 1.23 2.94 -13.41
C LEU A 116 0.57 1.62 -13.83
N TYR A 117 0.96 1.08 -14.99
CA TYR A 117 0.45 -0.21 -15.44
C TYR A 117 0.65 -1.30 -14.38
N GLN A 118 1.88 -1.42 -13.89
CA GLN A 118 2.23 -2.47 -12.92
C GLN A 118 1.46 -2.30 -11.61
N LEU A 119 1.39 -1.06 -11.12
CA LEU A 119 0.59 -0.74 -9.93
C LEU A 119 -0.85 -1.20 -10.08
N LEU A 120 -1.48 -0.82 -11.18
CA LEU A 120 -2.89 -1.19 -11.43
C LEU A 120 -3.11 -2.69 -11.63
N ARG A 121 -2.13 -3.36 -12.24
CA ARG A 121 -2.18 -4.81 -12.41
C ARG A 121 -2.21 -5.52 -11.05
N GLY A 122 -1.32 -5.09 -10.15
CA GLY A 122 -1.33 -5.57 -8.76
C GLY A 122 -2.63 -5.29 -8.03
N LEU A 123 -3.14 -4.07 -8.21
CA LEU A 123 -4.41 -3.66 -7.58
C LEU A 123 -5.63 -4.44 -8.05
N LYS A 124 -5.72 -4.74 -9.34
CA LYS A 124 -6.84 -5.55 -9.86
C LYS A 124 -6.92 -6.88 -9.10
N TYR A 125 -5.77 -7.53 -8.97
CA TYR A 125 -5.65 -8.78 -8.24
C TYR A 125 -6.03 -8.61 -6.75
N MET A 126 -5.39 -7.65 -6.08
N MET A 126 -5.38 -7.65 -6.10
CA MET A 126 -5.64 -7.42 -4.64
CA MET A 126 -5.60 -7.34 -4.68
C MET A 126 -7.11 -7.08 -4.37
C MET A 126 -7.07 -7.06 -4.37
N HIS A 127 -7.66 -6.17 -5.17
CA HIS A 127 -9.07 -5.75 -5.01
C HIS A 127 -10.09 -6.86 -5.28
N SER A 128 -9.78 -7.77 -6.21
CA SER A 128 -10.64 -8.93 -6.46
C SER A 128 -10.67 -9.90 -5.25
N ALA A 129 -9.61 -9.87 -4.44
CA ALA A 129 -9.57 -10.61 -3.16
C ALA A 129 -10.27 -9.92 -1.98
N GLN A 130 -10.88 -8.76 -2.24
N GLN A 130 -10.89 -8.76 -2.24
CA GLN A 130 -11.59 -7.94 -1.24
CA GLN A 130 -11.61 -7.96 -1.24
C GLN A 130 -10.65 -7.39 -0.17
C GLN A 130 -10.66 -7.38 -0.17
N VAL A 131 -9.46 -7.00 -0.60
CA VAL A 131 -8.45 -6.38 0.27
C VAL A 131 -8.25 -4.94 -0.22
N ILE A 132 -8.36 -3.98 0.70
CA ILE A 132 -8.07 -2.58 0.43
C ILE A 132 -6.75 -2.26 1.12
N HIS A 133 -5.77 -1.72 0.38
CA HIS A 133 -4.44 -1.47 0.95
C HIS A 133 -4.47 -0.34 1.98
N ARG A 134 -5.09 0.77 1.60
CA ARG A 134 -5.34 1.96 2.44
C ARG A 134 -4.15 2.85 2.76
N ASP A 135 -2.95 2.48 2.32
CA ASP A 135 -1.79 3.37 2.50
C ASP A 135 -0.87 3.37 1.27
N LEU A 136 -1.46 3.44 0.10
CA LEU A 136 -0.68 3.50 -1.14
C LEU A 136 -0.04 4.88 -1.29
N LYS A 137 1.27 4.88 -1.50
CA LYS A 137 2.04 6.09 -1.72
C LYS A 137 3.36 5.64 -2.33
N PRO A 138 4.13 6.56 -2.92
CA PRO A 138 5.34 6.10 -3.66
C PRO A 138 6.36 5.31 -2.82
N SER A 139 6.50 5.64 -1.55
CA SER A 139 7.45 4.92 -0.68
C SER A 139 7.04 3.46 -0.37
N ASN A 140 5.77 3.12 -0.57
CA ASN A 140 5.31 1.72 -0.44
C ASN A 140 5.28 0.94 -1.74
N LEU A 141 5.71 1.57 -2.83
CA LEU A 141 5.79 0.93 -4.13
C LEU A 141 7.26 0.69 -4.42
N LEU A 142 7.66 -0.57 -4.37
CA LEU A 142 9.06 -0.95 -4.47
C LEU A 142 9.41 -1.20 -5.93
N VAL A 143 10.62 -0.83 -6.32
CA VAL A 143 11.09 -1.04 -7.70
C VAL A 143 12.47 -1.66 -7.68
N ASN A 144 12.65 -2.76 -8.42
CA ASN A 144 13.94 -3.46 -8.46
C ASN A 144 14.77 -3.12 -9.70
N GLU A 145 15.93 -3.74 -9.80
CA GLU A 145 16.86 -3.55 -10.93
C GLU A 145 16.35 -4.07 -12.28
N ASN A 146 15.32 -4.91 -12.27
CA ASN A 146 14.60 -5.32 -13.50
C ASN A 146 13.46 -4.37 -13.88
N CYS A 147 13.36 -3.21 -13.22
CA CYS A 147 12.24 -2.27 -13.38
C CYS A 147 10.85 -2.85 -13.05
N GLU A 148 10.82 -3.87 -12.18
N GLU A 148 10.81 -3.89 -12.20
CA GLU A 148 9.57 -4.50 -11.73
CA GLU A 148 9.56 -4.47 -11.75
C GLU A 148 9.07 -3.73 -10.50
C GLU A 148 9.09 -3.63 -10.56
N LEU A 149 7.79 -3.35 -10.51
CA LEU A 149 7.17 -2.64 -9.39
C LEU A 149 6.32 -3.61 -8.58
N LYS A 150 6.49 -3.59 -7.27
CA LYS A 150 5.70 -4.43 -6.37
C LYS A 150 5.15 -3.59 -5.24
N ILE A 151 3.89 -3.83 -4.91
CA ILE A 151 3.20 -3.17 -3.79
C ILE A 151 3.66 -3.82 -2.48
N GLY A 152 4.06 -2.99 -1.51
CA GLY A 152 4.49 -3.43 -0.18
C GLY A 152 3.72 -2.75 0.94
N ASP A 153 4.04 -3.18 2.15
CA ASP A 153 3.45 -2.72 3.42
C ASP A 153 1.94 -2.91 3.52
N PHE A 154 1.55 -4.10 3.98
CA PHE A 154 0.14 -4.47 4.12
C PHE A 154 -0.37 -4.36 5.57
N GLY A 155 0.40 -3.67 6.42
CA GLY A 155 0.00 -3.48 7.82
C GLY A 155 -1.27 -2.68 8.05
N MET A 156 -1.62 -1.77 7.12
N MET A 156 -1.61 -1.79 7.11
CA MET A 156 -2.82 -0.94 7.22
CA MET A 156 -2.79 -0.93 7.19
C MET A 156 -4.01 -1.46 6.42
C MET A 156 -4.01 -1.47 6.44
N ALA A 157 -3.86 -2.63 5.79
CA ALA A 157 -4.92 -3.19 4.93
C ALA A 157 -6.16 -3.60 5.73
N ARG A 158 -7.33 -3.51 5.09
CA ARG A 158 -8.59 -4.00 5.65
C ARG A 158 -9.47 -4.56 4.55
N GLY A 159 -10.54 -5.23 4.95
CA GLY A 159 -11.55 -5.73 4.03
C GLY A 159 -12.70 -4.74 3.82
N LEU A 160 -13.79 -5.24 3.23
CA LEU A 160 -14.96 -4.41 2.96
C LEU A 160 -15.79 -4.07 4.21
N CYS A 161 -15.49 -4.72 5.33
CA CYS A 161 -16.05 -4.34 6.64
C CYS A 161 -14.96 -4.32 7.74
N THR A 162 -14.84 -3.17 8.41
CA THR A 162 -13.96 -3.01 9.58
C THR A 162 -14.78 -3.06 10.87
N SER A 163 -14.16 -3.54 11.95
CA SER A 163 -14.85 -3.71 13.24
C SER A 163 -15.08 -2.36 13.94
N PRO A 164 -16.27 -2.18 14.57
CA PRO A 164 -16.49 -1.01 15.44
C PRO A 164 -15.61 -0.93 16.71
N ALA A 165 -14.95 -2.03 17.09
CA ALA A 165 -14.07 -2.06 18.27
C ALA A 165 -12.82 -1.17 18.13
N GLU A 166 -12.29 -1.04 16.92
CA GLU A 166 -11.08 -0.23 16.68
C GLU A 166 -11.41 1.24 16.38
N HIS A 167 -10.49 2.13 16.76
CA HIS A 167 -10.70 3.58 16.68
C HIS A 167 -10.81 4.15 15.25
N GLN A 168 -10.17 3.48 14.29
CA GLN A 168 -10.19 3.93 12.88
C GLN A 168 -11.53 3.73 12.15
N TYR A 169 -12.46 2.98 12.76
CA TYR A 169 -13.85 2.89 12.29
C TYR A 169 -14.53 4.27 12.34
N PHE A 170 -14.24 5.03 13.40
CA PHE A 170 -14.80 6.37 13.62
C PHE A 170 -13.85 7.49 13.21
N MET A 171 -12.56 7.32 13.51
CA MET A 171 -11.53 8.34 13.27
C MET A 171 -10.87 8.12 11.91
N THR A 172 -11.69 8.10 10.86
CA THR A 172 -11.23 7.75 9.53
C THR A 172 -10.26 8.77 8.93
N GLU A 173 -10.33 10.02 9.38
CA GLU A 173 -9.42 11.06 8.90
C GLU A 173 -7.94 10.86 9.30
N TYR A 174 -7.68 9.91 10.20
CA TYR A 174 -6.31 9.51 10.58
C TYR A 174 -5.82 8.25 9.89
N VAL A 175 -6.64 7.64 9.03
CA VAL A 175 -6.20 6.44 8.32
C VAL A 175 -5.13 6.80 7.31
N ALA A 176 -3.94 6.22 7.50
CA ALA A 176 -2.85 6.26 6.51
C ALA A 176 -2.28 7.67 6.35
N THR A 177 -1.92 8.07 5.13
CA THR A 177 -1.02 9.21 4.93
C THR A 177 -1.77 10.41 4.34
N ARG A 178 -1.65 11.57 4.99
CA ARG A 178 -2.48 12.75 4.66
C ARG A 178 -2.56 13.09 3.18
N TRP A 179 -1.39 13.16 2.54
CA TRP A 179 -1.32 13.64 1.14
C TRP A 179 -1.98 12.71 0.11
N TYR A 180 -2.23 11.46 0.50
CA TYR A 180 -2.81 10.42 -0.36
C TYR A 180 -4.16 9.92 0.15
N ARG A 181 -4.76 10.63 1.11
CA ARG A 181 -5.92 10.14 1.85
C ARG A 181 -7.23 10.51 1.14
N ALA A 182 -8.01 9.49 0.80
CA ALA A 182 -9.26 9.67 0.04
C ALA A 182 -10.26 10.56 0.77
N PRO A 183 -11.04 11.35 0.01
CA PRO A 183 -12.08 12.21 0.59
C PRO A 183 -13.03 11.50 1.56
N GLU A 184 -13.43 10.26 1.25
CA GLU A 184 -14.32 9.49 2.12
C GLU A 184 -13.74 9.22 3.52
N LEU A 185 -12.43 9.08 3.59
CA LEU A 185 -11.70 8.95 4.86
C LEU A 185 -11.58 10.30 5.56
N MET A 186 -11.13 11.31 4.82
CA MET A 186 -11.06 12.68 5.36
C MET A 186 -12.40 13.17 5.92
N LEU A 187 -13.49 12.91 5.19
CA LEU A 187 -14.81 13.47 5.50
C LEU A 187 -15.76 12.50 6.21
N SER A 188 -15.32 11.25 6.46
CA SER A 188 -16.16 10.20 7.04
C SER A 188 -17.49 10.01 6.30
N LEU A 189 -17.38 9.73 5.00
CA LEU A 189 -18.56 9.58 4.10
C LEU A 189 -19.28 8.23 4.21
N HIS A 190 -18.80 7.33 5.07
CA HIS A 190 -19.45 6.04 5.37
C HIS A 190 -19.61 5.17 4.11
N GLU A 191 -18.55 5.15 3.31
CA GLU A 191 -18.49 4.41 2.05
C GLU A 191 -17.02 4.09 1.80
N TYR A 192 -16.60 2.94 2.32
CA TYR A 192 -15.18 2.56 2.37
C TYR A 192 -14.97 1.26 1.59
N THR A 193 -14.53 1.43 0.35
CA THR A 193 -14.34 0.35 -0.59
C THR A 193 -12.93 0.43 -1.18
N GLN A 194 -12.66 -0.45 -2.15
CA GLN A 194 -11.44 -0.40 -2.94
C GLN A 194 -11.19 0.95 -3.65
N ALA A 195 -12.26 1.73 -3.87
CA ALA A 195 -12.10 3.11 -4.38
C ALA A 195 -11.15 3.99 -3.56
N ILE A 196 -11.05 3.73 -2.25
CA ILE A 196 -10.02 4.36 -1.39
C ILE A 196 -8.66 4.32 -2.09
N ASP A 197 -8.29 3.15 -2.58
CA ASP A 197 -6.98 2.96 -3.21
C ASP A 197 -6.84 3.69 -4.53
N LEU A 198 -7.93 3.77 -5.30
CA LEU A 198 -7.88 4.48 -6.59
C LEU A 198 -7.65 5.98 -6.42
N TRP A 199 -8.14 6.56 -5.32
CA TRP A 199 -7.80 7.95 -5.00
C TRP A 199 -6.29 8.07 -4.85
N SER A 200 -5.71 7.23 -4.00
CA SER A 200 -4.26 7.23 -3.76
C SER A 200 -3.47 7.04 -5.06
N VAL A 201 -3.95 6.14 -5.92
CA VAL A 201 -3.34 5.92 -7.24
C VAL A 201 -3.34 7.21 -8.07
N GLY A 202 -4.46 7.92 -8.08
CA GLY A 202 -4.53 9.20 -8.78
C GLY A 202 -3.48 10.18 -8.27
N CYS A 203 -3.32 10.25 -6.95
CA CYS A 203 -2.31 11.11 -6.36
C CYS A 203 -0.88 10.71 -6.76
N ILE A 204 -0.62 9.41 -6.79
CA ILE A 204 0.68 8.85 -7.20
C ILE A 204 0.94 9.16 -8.69
N PHE A 205 -0.10 9.01 -9.52
CA PHE A 205 -0.04 9.26 -10.95
C PHE A 205 0.31 10.73 -11.25
N GLY A 206 -0.41 11.65 -10.63
CA GLY A 206 -0.07 13.07 -10.71
C GLY A 206 1.34 13.38 -10.26
N GLU A 207 1.75 12.75 -9.17
CA GLU A 207 3.11 12.92 -8.62
C GLU A 207 4.19 12.47 -9.60
N MET A 208 3.96 11.38 -10.30
CA MET A 208 4.87 10.94 -11.38
C MET A 208 4.89 11.90 -12.57
N LEU A 209 3.72 12.44 -12.94
CA LEU A 209 3.63 13.36 -14.08
C LEU A 209 4.39 14.69 -13.87
N ALA A 210 4.35 15.22 -12.64
CA ALA A 210 4.97 16.51 -12.30
C ALA A 210 6.25 16.38 -11.48
N ARG A 211 6.54 15.17 -10.97
CA ARG A 211 7.63 14.92 -10.03
C ARG A 211 7.52 15.82 -8.79
N ARG A 212 6.30 16.01 -8.32
N ARG A 212 6.29 16.01 -8.32
CA ARG A 212 6.02 16.74 -7.09
CA ARG A 212 5.99 16.81 -7.14
C ARG A 212 4.63 16.36 -6.62
C ARG A 212 4.61 16.38 -6.63
N GLN A 213 4.43 16.41 -5.31
CA GLN A 213 3.18 15.94 -4.69
C GLN A 213 2.01 16.81 -5.14
N LEU A 214 0.87 16.17 -5.41
CA LEU A 214 -0.30 16.87 -5.97
C LEU A 214 -1.00 17.71 -4.92
N PHE A 215 -1.29 17.12 -3.76
CA PHE A 215 -2.02 17.78 -2.66
C PHE A 215 -1.23 17.70 -1.32
N PRO A 216 -0.13 18.47 -1.21
CA PRO A 216 0.71 18.44 0.00
C PRO A 216 0.19 19.35 1.15
N GLY A 217 -0.98 19.01 1.68
CA GLY A 217 -1.59 19.79 2.75
C GLY A 217 -0.79 19.78 4.04
N LYS A 218 -0.84 20.89 4.77
CA LYS A 218 -0.07 21.08 6.00
C LYS A 218 -0.84 20.68 7.25
N ASN A 219 -2.15 20.48 7.11
CA ASN A 219 -3.05 20.10 8.19
C ASN A 219 -4.40 19.65 7.59
N TYR A 220 -5.38 19.31 8.45
CA TYR A 220 -6.68 18.78 8.00
C TYR A 220 -7.40 19.70 7.04
N VAL A 221 -7.62 20.94 7.47
CA VAL A 221 -8.38 21.91 6.68
C VAL A 221 -7.65 22.29 5.40
N HIS A 222 -6.33 22.49 5.51
CA HIS A 222 -5.50 22.83 4.34
C HIS A 222 -5.50 21.72 3.29
N GLN A 223 -5.49 20.46 3.75
CA GLN A 223 -5.60 19.31 2.84
C GLN A 223 -6.90 19.37 2.02
N LEU A 224 -8.02 19.60 2.70
CA LEU A 224 -9.30 19.78 2.00
C LEU A 224 -9.28 20.98 1.06
N GLN A 225 -8.69 22.09 1.51
CA GLN A 225 -8.55 23.30 0.69
C GLN A 225 -7.83 23.01 -0.62
N LEU A 226 -6.68 22.33 -0.54
CA LEU A 226 -5.90 22.01 -1.74
C LEU A 226 -6.68 21.11 -2.73
N ILE A 227 -7.41 20.13 -2.19
CA ILE A 227 -8.21 19.23 -3.03
C ILE A 227 -9.33 20.02 -3.72
N MET A 228 -10.04 20.86 -2.96
CA MET A 228 -11.11 21.68 -3.53
C MET A 228 -10.64 22.74 -4.54
N MET A 229 -9.38 23.19 -4.40
CA MET A 229 -8.81 24.14 -5.38
C MET A 229 -8.70 23.55 -6.80
N VAL A 230 -8.64 22.21 -6.90
CA VAL A 230 -8.65 21.53 -8.19
C VAL A 230 -10.02 20.91 -8.52
N LEU A 231 -10.55 20.11 -7.61
CA LEU A 231 -11.82 19.39 -7.85
C LEU A 231 -13.07 20.27 -7.78
N GLY A 232 -12.95 21.46 -7.18
CA GLY A 232 -14.08 22.34 -6.96
C GLY A 232 -14.79 21.99 -5.66
N THR A 233 -15.90 22.68 -5.42
CA THR A 233 -16.74 22.42 -4.25
C THR A 233 -17.38 21.04 -4.40
N PRO A 234 -17.41 20.24 -3.31
CA PRO A 234 -18.12 18.96 -3.41
C PRO A 234 -19.63 19.15 -3.51
N SER A 235 -20.33 18.15 -4.03
CA SER A 235 -21.77 18.24 -4.29
C SER A 235 -22.57 18.34 -3.01
N PRO A 236 -23.84 18.80 -3.09
CA PRO A 236 -24.73 18.77 -1.92
C PRO A 236 -24.88 17.38 -1.30
N ALA A 237 -24.92 16.34 -2.14
CA ALA A 237 -25.00 14.96 -1.69
C ALA A 237 -23.78 14.54 -0.89
N VAL A 238 -22.59 14.90 -1.37
CA VAL A 238 -21.34 14.62 -0.65
C VAL A 238 -21.28 15.42 0.66
N ILE A 239 -21.62 16.71 0.60
CA ILE A 239 -21.65 17.56 1.79
C ILE A 239 -22.59 17.01 2.87
N GLN A 240 -23.77 16.53 2.47
CA GLN A 240 -24.73 15.95 3.43
C GLN A 240 -24.23 14.64 4.06
N ALA A 241 -23.42 13.88 3.32
CA ALA A 241 -22.79 12.64 3.80
C ALA A 241 -21.56 12.85 4.70
N VAL A 242 -21.09 14.09 4.84
CA VAL A 242 -19.99 14.41 5.76
C VAL A 242 -20.43 14.10 7.19
N GLY A 243 -19.65 13.25 7.89
CA GLY A 243 -20.00 12.79 9.23
C GLY A 243 -20.07 13.88 10.29
N ALA A 244 -19.10 14.79 10.26
CA ALA A 244 -18.93 15.81 11.30
C ALA A 244 -19.56 17.15 10.92
N GLU A 245 -20.35 17.73 11.83
CA GLU A 245 -21.04 19.00 11.59
C GLU A 245 -20.09 20.18 11.30
N ARG A 246 -19.00 20.27 12.05
CA ARG A 246 -18.03 21.37 11.87
C ARG A 246 -17.39 21.38 10.49
N VAL A 247 -17.06 20.20 9.99
CA VAL A 247 -16.47 20.04 8.66
C VAL A 247 -17.47 20.44 7.59
N ARG A 248 -18.69 19.92 7.72
CA ARG A 248 -19.80 20.24 6.82
C ARG A 248 -20.05 21.74 6.80
N ALA A 249 -20.13 22.36 7.99
CA ALA A 249 -20.30 23.81 8.13
C ALA A 249 -19.14 24.61 7.54
N TYR A 250 -17.91 24.12 7.70
CA TYR A 250 -16.72 24.76 7.12
C TYR A 250 -16.76 24.77 5.58
N ILE A 251 -17.08 23.63 4.98
CA ILE A 251 -17.17 23.53 3.52
C ILE A 251 -18.26 24.47 2.97
N GLN A 252 -19.41 24.51 3.64
CA GLN A 252 -20.50 25.43 3.28
C GLN A 252 -20.15 26.91 3.43
N SER A 253 -19.23 27.24 4.35
CA SER A 253 -18.79 28.63 4.57
C SER A 253 -17.95 29.21 3.42
N LEU A 254 -17.31 28.34 2.64
CA LEU A 254 -16.46 28.76 1.53
C LEU A 254 -17.29 29.11 0.29
N PRO A 255 -16.79 30.04 -0.55
CA PRO A 255 -17.53 30.40 -1.77
C PRO A 255 -17.52 29.27 -2.81
N PRO A 256 -18.58 29.18 -3.64
CA PRO A 256 -18.62 28.14 -4.69
C PRO A 256 -17.43 28.20 -5.65
N ARG A 257 -16.98 27.02 -6.11
N ARG A 257 -17.01 27.03 -6.14
CA ARG A 257 -15.82 26.92 -6.98
CA ARG A 257 -15.84 26.91 -6.98
C ARG A 257 -16.01 25.75 -7.94
C ARG A 257 -16.00 25.73 -7.94
N GLN A 258 -15.79 25.99 -9.23
CA GLN A 258 -15.89 24.97 -10.27
C GLN A 258 -14.57 24.20 -10.34
N PRO A 259 -14.59 22.98 -10.92
CA PRO A 259 -13.34 22.25 -11.11
C PRO A 259 -12.36 22.97 -12.05
N VAL A 260 -11.07 22.80 -11.78
CA VAL A 260 -10.01 23.26 -12.69
C VAL A 260 -9.67 22.07 -13.59
N PRO A 261 -9.69 22.25 -14.93
CA PRO A 261 -9.31 21.13 -15.79
C PRO A 261 -7.89 20.63 -15.54
N TRP A 262 -7.68 19.33 -15.65
CA TRP A 262 -6.36 18.74 -15.43
C TRP A 262 -5.30 19.24 -16.41
N GLU A 263 -5.72 19.69 -17.59
CA GLU A 263 -4.84 20.36 -18.56
C GLU A 263 -4.22 21.66 -18.01
N THR A 264 -4.95 22.35 -17.13
CA THR A 264 -4.44 23.56 -16.47
C THR A 264 -3.52 23.22 -15.29
N VAL A 265 -3.84 22.16 -14.56
CA VAL A 265 -3.01 21.69 -13.44
C VAL A 265 -1.66 21.16 -13.95
N TYR A 266 -1.69 20.43 -15.06
CA TYR A 266 -0.50 19.85 -15.69
C TYR A 266 -0.39 20.31 -17.16
N PRO A 267 0.13 21.54 -17.39
CA PRO A 267 0.22 22.08 -18.76
C PRO A 267 1.10 21.23 -19.67
N GLY A 268 0.59 20.93 -20.86
CA GLY A 268 1.32 20.14 -21.85
C GLY A 268 1.44 18.65 -21.58
N ALA A 269 0.80 18.15 -20.51
CA ALA A 269 0.84 16.73 -20.19
C ALA A 269 0.02 15.91 -21.19
N ASP A 270 0.38 14.65 -21.33
CA ASP A 270 -0.26 13.73 -22.27
C ASP A 270 -1.78 13.66 -22.07
N ARG A 271 -2.52 13.76 -23.18
CA ARG A 271 -3.99 13.80 -23.16
C ARG A 271 -4.62 12.56 -22.53
N GLN A 272 -4.17 11.38 -22.95
CA GLN A 272 -4.73 10.14 -22.42
C GLN A 272 -4.38 9.94 -20.96
N ALA A 273 -3.17 10.33 -20.57
CA ALA A 273 -2.77 10.33 -19.16
C ALA A 273 -3.76 11.16 -18.31
N LEU A 274 -4.02 12.39 -18.74
CA LEU A 274 -4.95 13.28 -18.02
C LEU A 274 -6.39 12.77 -18.04
N SER A 275 -6.80 12.14 -19.14
CA SER A 275 -8.09 11.46 -19.20
C SER A 275 -8.23 10.42 -18.08
N LEU A 276 -7.25 9.53 -17.95
CA LEU A 276 -7.30 8.50 -16.92
C LEU A 276 -7.22 9.09 -15.51
N LEU A 277 -6.35 10.09 -15.33
CA LEU A 277 -6.20 10.81 -14.05
C LEU A 277 -7.54 11.34 -13.55
N GLY A 278 -8.25 12.01 -14.45
CA GLY A 278 -9.58 12.54 -14.16
C GLY A 278 -10.64 11.51 -13.76
N ARG A 279 -10.49 10.27 -14.25
N ARG A 279 -10.48 10.27 -14.22
CA ARG A 279 -11.37 9.18 -13.85
CA ARG A 279 -11.37 9.18 -13.85
C ARG A 279 -11.08 8.64 -12.44
C ARG A 279 -11.06 8.61 -12.45
N MET A 280 -9.88 8.90 -11.92
CA MET A 280 -9.46 8.45 -10.58
C MET A 280 -9.77 9.46 -9.48
N LEU A 281 -9.52 10.73 -9.75
CA LEU A 281 -9.64 11.78 -8.73
C LEU A 281 -11.01 12.44 -8.78
N ARG A 282 -11.97 11.75 -8.15
CA ARG A 282 -13.34 12.23 -7.95
C ARG A 282 -13.68 12.16 -6.46
N PHE A 283 -14.46 13.12 -5.97
CA PHE A 283 -14.96 13.10 -4.58
C PHE A 283 -15.75 11.82 -4.29
N GLU A 284 -16.66 11.46 -5.19
CA GLU A 284 -17.57 10.33 -4.98
C GLU A 284 -16.83 9.02 -5.21
N PRO A 285 -16.71 8.15 -4.18
CA PRO A 285 -16.05 6.84 -4.37
C PRO A 285 -16.59 6.03 -5.55
N SER A 286 -17.91 5.99 -5.69
CA SER A 286 -18.57 5.22 -6.76
C SER A 286 -18.34 5.81 -8.17
N ALA A 287 -17.97 7.08 -8.25
CA ALA A 287 -17.67 7.72 -9.54
C ALA A 287 -16.30 7.34 -10.11
N ARG A 288 -15.40 6.84 -9.26
CA ARG A 288 -14.03 6.53 -9.68
C ARG A 288 -13.96 5.27 -10.51
N ILE A 289 -13.09 5.30 -11.52
CA ILE A 289 -12.75 4.11 -12.30
C ILE A 289 -12.15 3.06 -11.37
N SER A 290 -12.41 1.79 -11.66
CA SER A 290 -11.79 0.68 -10.92
C SER A 290 -10.41 0.38 -11.47
N ALA A 291 -9.61 -0.37 -10.72
CA ALA A 291 -8.31 -0.82 -11.22
C ALA A 291 -8.47 -1.65 -12.51
N ALA A 292 -9.43 -2.57 -12.51
CA ALA A 292 -9.73 -3.39 -13.70
C ALA A 292 -10.08 -2.56 -14.94
N ALA A 293 -10.96 -1.57 -14.77
CA ALA A 293 -11.35 -0.70 -15.89
C ALA A 293 -10.20 0.22 -16.33
N ALA A 294 -9.39 0.68 -15.39
CA ALA A 294 -8.20 1.50 -15.70
C ALA A 294 -7.22 0.79 -16.62
N LEU A 295 -7.02 -0.51 -16.40
CA LEU A 295 -6.16 -1.32 -17.26
C LEU A 295 -6.66 -1.38 -18.71
N ARG A 296 -7.97 -1.19 -18.92
CA ARG A 296 -8.59 -1.11 -20.26
C ARG A 296 -8.55 0.29 -20.89
N HIS A 297 -8.01 1.29 -20.17
CA HIS A 297 -7.97 2.68 -20.66
C HIS A 297 -6.89 2.84 -21.73
N PRO A 298 -7.14 3.68 -22.77
CA PRO A 298 -6.14 3.87 -23.84
C PRO A 298 -4.71 4.24 -23.39
N PHE A 299 -4.58 4.95 -22.27
CA PHE A 299 -3.26 5.30 -21.73
C PHE A 299 -2.37 4.07 -21.48
N LEU A 300 -2.99 2.95 -21.08
CA LEU A 300 -2.26 1.72 -20.76
C LEU A 300 -2.30 0.64 -21.85
N ALA A 301 -2.78 0.99 -23.05
CA ALA A 301 -2.94 0.01 -24.14
C ALA A 301 -1.61 -0.67 -24.53
N LYS A 302 -0.50 0.07 -24.44
CA LYS A 302 0.85 -0.44 -24.75
C LYS A 302 1.18 -1.76 -24.03
N TYR A 303 0.80 -1.85 -22.75
CA TYR A 303 1.11 -3.01 -21.90
C TYR A 303 -0.08 -3.92 -21.63
N HIS A 304 -1.28 -3.42 -21.86
CA HIS A 304 -2.49 -4.14 -21.51
C HIS A 304 -2.64 -5.48 -22.26
N ASP A 305 -2.86 -6.55 -21.49
CA ASP A 305 -3.18 -7.88 -22.03
C ASP A 305 -4.19 -8.51 -21.08
N PRO A 306 -5.47 -8.60 -21.48
CA PRO A 306 -6.47 -9.15 -20.55
C PRO A 306 -6.29 -10.64 -20.21
N ASP A 307 -5.47 -11.36 -20.98
CA ASP A 307 -5.07 -12.73 -20.67
C ASP A 307 -4.00 -12.85 -19.57
N ASP A 308 -3.37 -11.72 -19.22
CA ASP A 308 -2.27 -11.74 -18.26
C ASP A 308 -2.43 -10.70 -17.15
N GLU A 309 -3.65 -10.51 -16.68
CA GLU A 309 -3.96 -9.55 -15.62
C GLU A 309 -4.97 -10.21 -14.69
N PRO A 310 -4.51 -11.21 -13.91
CA PRO A 310 -5.43 -12.09 -13.21
C PRO A 310 -6.12 -11.47 -11.99
N ASP A 311 -7.28 -12.03 -11.65
CA ASP A 311 -7.90 -11.85 -10.35
C ASP A 311 -7.33 -12.87 -9.36
N CYS A 312 -7.70 -12.71 -8.09
CA CYS A 312 -7.31 -13.61 -7.01
C CYS A 312 -8.54 -14.37 -6.52
N ALA A 313 -8.48 -15.70 -6.57
CA ALA A 313 -9.50 -16.57 -5.97
C ALA A 313 -8.79 -17.61 -5.10
N PRO A 314 -9.31 -17.89 -3.88
CA PRO A 314 -10.48 -17.32 -3.23
C PRO A 314 -10.18 -15.93 -2.63
N PRO A 315 -11.23 -15.21 -2.19
CA PRO A 315 -10.99 -13.92 -1.54
C PRO A 315 -10.36 -14.07 -0.16
N PHE A 316 -9.73 -13.00 0.31
CA PHE A 316 -9.06 -13.01 1.60
C PHE A 316 -10.08 -12.77 2.73
N ASP A 317 -9.95 -13.54 3.81
CA ASP A 317 -10.85 -13.47 4.96
C ASP A 317 -10.18 -12.69 6.12
N PHE A 318 -10.77 -11.54 6.48
CA PHE A 318 -10.28 -10.70 7.60
C PHE A 318 -10.88 -11.04 8.99
N ALA A 319 -11.65 -12.13 9.07
CA ALA A 319 -12.28 -12.56 10.34
C ALA A 319 -11.31 -12.58 11.53
N PHE A 320 -10.11 -13.13 11.33
CA PHE A 320 -9.05 -13.17 12.35
C PHE A 320 -8.74 -11.81 12.99
N ASP A 321 -8.87 -10.75 12.19
CA ASP A 321 -8.50 -9.39 12.60
C ASP A 321 -9.53 -8.68 13.47
N ARG A 322 -10.82 -9.02 13.29
CA ARG A 322 -11.90 -8.44 14.10
C ARG A 322 -11.96 -8.97 15.54
N GLU A 323 -11.22 -10.04 15.84
CA GLU A 323 -11.15 -10.60 17.18
C GLU A 323 -10.36 -9.69 18.14
N ALA A 324 -10.89 -9.51 19.35
CA ALA A 324 -10.19 -8.75 20.40
C ALA A 324 -9.15 -9.67 21.02
N LEU A 325 -7.86 -9.39 20.77
CA LEU A 325 -6.76 -10.27 21.18
C LEU A 325 -5.73 -9.54 22.05
N THR A 326 -5.25 -10.24 23.08
CA THR A 326 -4.15 -9.76 23.92
C THR A 326 -2.81 -9.90 23.17
N ARG A 327 -1.78 -9.23 23.72
CA ARG A 327 -0.40 -9.34 23.24
C ARG A 327 0.03 -10.79 23.03
N GLU A 328 -0.16 -11.60 24.06
CA GLU A 328 0.30 -12.99 24.01
C GLU A 328 -0.46 -13.82 22.98
N ARG A 329 -1.77 -13.60 22.85
CA ARG A 329 -2.56 -14.28 21.81
C ARG A 329 -2.16 -13.90 20.40
N ILE A 330 -1.75 -12.63 20.20
CA ILE A 330 -1.24 -12.17 18.90
C ILE A 330 0.11 -12.83 18.60
N LYS A 331 0.98 -12.90 19.61
CA LYS A 331 2.28 -13.60 19.46
C LYS A 331 2.06 -15.06 19.05
N GLU A 332 1.12 -15.74 19.72
CA GLU A 332 0.80 -17.12 19.36
C GLU A 332 0.31 -17.23 17.92
N ALA A 333 -0.55 -16.29 17.51
CA ALA A 333 -1.04 -16.26 16.13
C ALA A 333 0.08 -16.06 15.11
N ILE A 334 1.03 -15.18 15.42
CA ILE A 334 2.19 -14.94 14.55
C ILE A 334 3.09 -16.17 14.47
N VAL A 335 3.39 -16.78 15.61
CA VAL A 335 4.16 -18.04 15.64
C VAL A 335 3.45 -19.15 14.83
N ALA A 336 2.13 -19.21 14.92
CA ALA A 336 1.36 -20.18 14.12
C ALA A 336 1.50 -19.93 12.61
N GLU A 337 1.51 -18.65 12.19
CA GLU A 337 1.73 -18.32 10.77
C GLU A 337 3.09 -18.79 10.28
N ILE A 338 4.11 -18.67 11.13
CA ILE A 338 5.47 -19.12 10.81
C ILE A 338 5.48 -20.65 10.66
N GLU A 339 4.89 -21.35 11.64
CA GLU A 339 4.77 -22.81 11.60
C GLU A 339 4.00 -23.30 10.36
N ASP A 340 2.89 -22.63 10.04
CA ASP A 340 2.06 -22.98 8.89
C ASP A 340 2.80 -22.77 7.56
N PHE A 341 3.56 -21.68 7.48
CA PHE A 341 4.39 -21.41 6.30
C PHE A 341 5.29 -22.61 5.99
N HIS A 342 6.00 -23.10 7.01
CA HIS A 342 6.91 -24.24 6.85
C HIS A 342 6.22 -25.59 6.68
N ALA A 343 5.08 -25.77 7.36
CA ALA A 343 4.30 -27.00 7.24
C ALA A 343 3.72 -27.19 5.84
N ARG A 344 3.26 -26.09 5.23
CA ARG A 344 2.78 -26.10 3.84
C ARG A 344 3.89 -26.40 2.82
N ARG A 345 5.09 -25.87 3.05
CA ARG A 345 6.26 -26.14 2.19
C ARG A 345 6.72 -27.60 2.27
N GLU A 346 6.60 -28.19 3.45
CA GLU A 346 6.89 -29.62 3.64
C GLU A 346 5.90 -30.50 2.88
N GLY A 347 4.64 -30.05 2.79
CA GLY A 347 3.58 -30.76 2.07
C GLY A 347 3.32 -30.31 0.64
N ILE A 348 4.38 -29.92 -0.09
CA ILE A 348 4.31 -29.67 -1.54
C ILE A 348 5.56 -30.20 -2.23
C1 4WE B . 8.04 -1.08 1.68
C2 4WE B . 9.35 -1.57 2.32
C3 4WE B . 9.94 -0.56 3.30
C5 4WE B . 8.28 -3.18 3.99
C6 4WE B . 7.41 -2.21 4.74
C8 4WE B . 9.18 -5.06 3.44
C12 4WE B . 12.48 -3.56 0.23
N13 4WE B . 12.61 -4.74 -0.38
C15 4WE B . 10.85 -5.61 0.90
C18 4WE B . 13.48 -1.25 0.31
C19 4WE B . 14.20 -0.38 -0.53
C21 4WE B . 13.97 1.41 1.10
C23 4WE B . 13.04 -0.79 1.55
C24 4WE B . 14.27 2.79 1.58
O25 4WE B . 14.00 3.05 2.75
C27 4WE B . 15.26 5.07 1.24
C30 4WE B . 12.23 7.18 0.54
C31 4WE B . 10.78 7.15 1.02
C32 4WE B . 10.71 7.43 2.51
C33 4WE B . 11.49 6.31 3.20
C34 4WE B . 12.94 6.41 2.75
N4 4WE B . 9.13 -2.90 2.96
N7 4WE B . 8.32 -4.46 4.26
C9 4WE B . 9.71 -4.12 2.60
C10 4WE B . 10.71 -4.36 1.53
N11 4WE B . 11.54 -3.38 1.15
C14 4WE B . 11.82 -5.75 -0.07
F16 4WE B . 10.06 -6.67 1.20
N17 4WE B . 13.31 -2.55 -0.20
C20 4WE B . 14.45 0.92 -0.14
C22 4WE B . 13.29 0.51 1.93
N26 4WE B . 14.87 3.73 0.78
C28 4WE B . 14.38 6.22 0.75
N29 4WE B . 13.02 6.19 1.29
C1 GOL C . 5.69 9.22 0.64
O1 GOL C . 5.78 8.31 -0.44
C2 GOL C . 6.67 8.96 1.78
O2 GOL C . 7.54 10.06 1.96
C3 GOL C . 6.01 8.61 3.11
O3 GOL C . 4.99 9.51 3.52
C1 GOL D . 11.70 14.57 -16.01
O1 GOL D . 12.12 15.19 -14.82
C2 GOL D . 12.95 14.03 -16.68
O2 GOL D . 13.73 15.09 -17.20
C3 GOL D . 12.59 13.05 -17.79
O3 GOL D . 13.33 11.87 -17.66
C1 GOL E . 19.67 2.75 -10.43
O1 GOL E . 19.95 2.13 -9.19
C2 GOL E . 19.24 1.73 -11.45
O2 GOL E . 20.35 0.86 -11.68
C3 GOL E . 18.75 2.42 -12.72
O3 GOL E . 19.80 2.86 -13.53
C1 GOL F . -1.12 20.71 -7.98
O1 GOL F . 0.10 20.68 -7.29
C2 GOL F . -1.54 22.15 -8.31
O2 GOL F . -0.81 23.08 -7.55
C3 GOL F . -3.07 22.36 -8.11
O3 GOL F . -3.40 23.66 -7.69
C1 GOL G . 11.14 16.13 -6.74
O1 GOL G . 11.25 16.19 -8.12
C2 GOL G . 11.76 17.31 -6.02
O2 GOL G . 11.44 17.17 -4.65
C3 GOL G . 13.28 17.32 -6.21
O3 GOL G . 13.88 16.11 -5.76
C1 GOL H . -4.90 -17.48 -3.53
O1 GOL H . -4.38 -17.94 -2.30
C2 GOL H . -3.78 -17.31 -4.57
O2 GOL H . -3.00 -18.48 -4.67
C3 GOL H . -4.40 -17.01 -5.92
O3 GOL H . -3.46 -16.47 -6.82
#